data_9BRF
#
_entry.id   9BRF
#
_cell.length_a   138.014
_cell.length_b   138.014
_cell.length_c   71.145
_cell.angle_alpha   90.000
_cell.angle_beta   90.000
_cell.angle_gamma   90.000
#
_symmetry.space_group_name_H-M   'P 41 21 2'
#
loop_
_entity.id
_entity.type
_entity.pdbx_description
1 polymer 'G protein-coupled receptor kinase 5'
2 non-polymer (3Z)-3-{[3,5-dimethyl-4-(2-oxo-2-phenylacetamido)-1H-pyrrol-2-yl]methylidene}-2-oxo-N-[(1R)-1-phenylethyl]-3,7-dihydro-2H-indole-5-carboxamide
3 water water
#
_entity_poly.entity_id   1
_entity_poly.type   'polypeptide(L)'
_entity_poly.pdbx_seq_one_letter_code
;MELENIVANTVLLKAREGGGGKRKGKSKKWKEILKFPHISQCEDLRRTIDRDYCSLCDKQPIGRLLFRQFCETRPGLECY
IQFLDSVAEYEVTPDEKLGEKGKEIMTKYLTPKSPVFIAQVGQDLVSQTEEKLLQKPCKELFSACAQSVHEYLRGEPFHE
YLDSMFFDRFLQWKWLERQPVTKNTFRQYRVLGKGGFGEVCACQVRATGKMYACKRLEKKRIKKRKGESMALNEKQILEK
VNSQFVVNLAYAYETKDALCLVLTIMNGGDLKFHIYNMGNPGFEEERALFYAAEILCGLEDLHRENTVYRNLKPENILLD
DYGHIRISDLGLAVKIPEGDLIRGRVGTVGYMAPEVLNNQRYGLSPDYWGLGCLIYEMIEGQSPFRGRKEKVKREEVDRR
VLETEEVYSHKFSEEAKSICKMLLTKDAKQRLGCQEEGAAEVKRHPFFRNMNFKRLEAGMLDPPFVPDPRAVYCKDVLDI
EQFSTVKGVNLDHTDDDFYSKFSTGSVSIPWQNEMIETECFKELNVFGPNGTLPPDLNRNHPPEPPKKGLLQRLFKRQHQ
NNSKSSPSSKTSFNHHINSNHVSSNSTGSSVDHHHHHH
;
_entity_poly.pdbx_strand_id   A
#
# COMPACT_ATOMS: atom_id res chain seq x y z
N GLY A 25 24.38 -1.27 1.66
CA GLY A 25 25.26 -2.23 1.04
C GLY A 25 25.14 -2.26 -0.47
N LYS A 26 25.37 -1.11 -1.11
CA LYS A 26 25.26 -1.00 -2.55
C LYS A 26 26.50 -1.55 -3.23
N SER A 27 26.34 -2.01 -4.46
CA SER A 27 27.42 -2.69 -5.16
C SER A 27 28.61 -1.74 -5.35
N LYS A 28 29.80 -2.33 -5.38
CA LYS A 28 31.04 -1.61 -5.62
C LYS A 28 30.84 -0.49 -6.63
N LYS A 29 30.38 -0.83 -7.82
CA LYS A 29 30.16 0.14 -8.90
C LYS A 29 28.69 0.47 -9.07
N TRP A 30 27.99 0.75 -7.96
CA TRP A 30 26.55 0.98 -8.05
C TRP A 30 26.21 2.18 -8.91
N LYS A 31 27.14 3.14 -9.03
CA LYS A 31 26.88 4.34 -9.82
C LYS A 31 26.94 4.08 -11.32
N GLU A 32 27.59 2.99 -11.74
CA GLU A 32 27.65 2.67 -13.16
C GLU A 32 26.38 1.98 -13.64
N ILE A 33 25.72 1.20 -12.78
CA ILE A 33 24.49 0.51 -13.18
C ILE A 33 23.35 1.51 -13.29
N LEU A 34 23.15 2.31 -12.25
CA LEU A 34 22.15 3.38 -12.28
C LEU A 34 22.65 4.64 -12.97
N LYS A 35 23.70 4.52 -13.78
CA LYS A 35 24.19 5.67 -14.54
C LYS A 35 23.09 6.17 -15.48
N PHE A 36 22.82 7.47 -15.43
CA PHE A 36 21.81 8.03 -16.31
C PHE A 36 22.22 7.83 -17.77
N PRO A 37 21.30 7.47 -18.65
CA PRO A 37 21.59 7.49 -20.09
C PRO A 37 21.54 8.92 -20.62
N HIS A 38 22.11 9.11 -21.80
CA HIS A 38 22.04 10.42 -22.42
C HIS A 38 20.61 10.71 -22.82
N ILE A 39 20.21 11.97 -22.67
CA ILE A 39 18.84 12.39 -22.97
C ILE A 39 18.40 11.90 -24.35
N SER A 40 19.35 11.71 -25.27
CA SER A 40 19.01 11.28 -26.62
C SER A 40 18.49 9.84 -26.65
N GLN A 41 18.78 9.05 -25.63
CA GLN A 41 18.28 7.68 -25.58
C GLN A 41 16.80 7.60 -25.23
N CYS A 42 16.20 8.70 -24.73
CA CYS A 42 14.86 8.68 -24.18
C CYS A 42 13.82 9.25 -25.12
N GLU A 43 14.16 9.45 -26.40
CA GLU A 43 13.19 10.02 -27.33
C GLU A 43 11.97 9.12 -27.47
N ASP A 44 12.19 7.80 -27.57
CA ASP A 44 11.07 6.87 -27.64
C ASP A 44 10.17 7.00 -26.41
N LEU A 45 10.78 7.16 -25.23
CA LEU A 45 9.99 7.36 -24.02
C LEU A 45 9.22 8.67 -24.05
N ARG A 46 9.79 9.70 -24.66
CA ARG A 46 9.16 11.02 -24.64
C ARG A 46 7.84 11.00 -25.40
N ARG A 47 7.83 10.41 -26.60
CA ARG A 47 6.64 10.42 -27.43
C ARG A 47 5.65 9.29 -27.10
N THR A 48 5.86 8.57 -26.00
CA THR A 48 4.96 7.49 -25.60
C THR A 48 4.36 7.68 -24.22
N ILE A 49 5.15 8.14 -23.25
CA ILE A 49 4.63 8.38 -21.91
C ILE A 49 3.39 9.26 -22.00
N ASP A 50 2.35 8.88 -21.27
CA ASP A 50 1.17 9.73 -21.14
C ASP A 50 1.46 10.86 -20.17
N ARG A 51 1.20 12.09 -20.59
CA ARG A 51 1.51 13.28 -19.79
C ARG A 51 0.37 13.64 -18.86
N ASP A 52 -0.07 12.67 -18.07
CA ASP A 52 -1.10 12.89 -17.06
C ASP A 52 -0.46 13.60 -15.87
N TYR A 53 -1.00 14.78 -15.54
CA TYR A 53 -0.44 15.56 -14.44
C TYR A 53 -0.41 14.76 -13.14
N CYS A 54 -1.55 14.17 -12.76
CA CYS A 54 -1.61 13.42 -11.51
C CYS A 54 -0.57 12.30 -11.50
N SER A 55 -0.34 11.67 -12.64
CA SER A 55 0.60 10.56 -12.69
C SER A 55 2.05 11.06 -12.62
N LEU A 56 2.40 12.04 -13.45
CA LEU A 56 3.80 12.47 -13.53
C LEU A 56 4.22 13.33 -12.35
N CYS A 57 3.29 14.03 -11.71
CA CYS A 57 3.62 14.99 -10.67
C CYS A 57 3.19 14.57 -9.27
N ASP A 58 2.53 13.41 -9.13
CA ASP A 58 2.01 13.02 -7.83
C ASP A 58 2.20 11.53 -7.55
N LYS A 59 1.50 10.68 -8.30
CA LYS A 59 1.55 9.24 -8.03
C LYS A 59 2.97 8.72 -8.12
N GLN A 60 3.66 8.99 -9.22
CA GLN A 60 5.02 8.51 -9.40
C GLN A 60 5.97 9.26 -8.47
N PRO A 61 6.56 8.60 -7.46
CA PRO A 61 7.34 9.34 -6.46
C PRO A 61 8.45 10.21 -7.05
N ILE A 62 9.26 9.65 -7.94
CA ILE A 62 10.38 10.41 -8.49
C ILE A 62 9.88 11.54 -9.36
N GLY A 63 8.80 11.32 -10.11
CA GLY A 63 8.19 12.40 -10.87
C GLY A 63 7.70 13.52 -9.96
N ARG A 64 7.02 13.14 -8.88
CA ARG A 64 6.56 14.13 -7.90
C ARG A 64 7.72 14.96 -7.38
N LEU A 65 8.81 14.31 -6.97
CA LEU A 65 9.96 15.04 -6.44
C LEU A 65 10.54 15.98 -7.50
N LEU A 66 10.62 15.51 -8.76
CA LEU A 66 11.21 16.34 -9.80
C LEU A 66 10.33 17.55 -10.12
N PHE A 67 9.00 17.37 -10.13
CA PHE A 67 8.14 18.51 -10.37
C PHE A 67 8.23 19.52 -9.22
N ARG A 68 8.22 19.04 -7.98
CA ARG A 68 8.44 19.94 -6.85
C ARG A 68 9.80 20.63 -6.97
N GLN A 69 10.81 19.89 -7.43
CA GLN A 69 12.13 20.50 -7.62
C GLN A 69 12.09 21.57 -8.70
N PHE A 70 11.29 21.35 -9.74
CA PHE A 70 11.12 22.38 -10.77
C PHE A 70 10.44 23.62 -10.19
N CYS A 71 9.43 23.43 -9.35
CA CYS A 71 8.71 24.56 -8.77
C CYS A 71 9.58 25.38 -7.83
N GLU A 72 10.65 24.81 -7.27
CA GLU A 72 11.51 25.59 -6.40
C GLU A 72 12.29 26.64 -7.18
N THR A 73 12.50 26.42 -8.49
CA THR A 73 13.29 27.36 -9.28
C THR A 73 12.50 28.63 -9.58
N ARG A 74 11.19 28.53 -9.71
CA ARG A 74 10.36 29.71 -9.95
C ARG A 74 10.00 30.37 -8.62
N PRO A 75 9.95 31.69 -8.55
CA PRO A 75 9.54 32.32 -7.28
C PRO A 75 8.05 32.19 -7.03
N GLY A 76 7.23 32.30 -8.09
CA GLY A 76 5.79 32.29 -7.91
C GLY A 76 5.19 30.92 -7.67
N LEU A 77 5.93 29.85 -7.97
CA LEU A 77 5.41 28.50 -7.75
C LEU A 77 5.84 27.91 -6.43
N GLU A 78 6.92 28.42 -5.82
CA GLU A 78 7.40 27.87 -4.56
C GLU A 78 6.31 27.90 -3.50
N CYS A 79 5.62 29.04 -3.36
CA CYS A 79 4.63 29.18 -2.31
C CYS A 79 3.51 28.15 -2.43
N TYR A 80 3.20 27.72 -3.66
CA TYR A 80 2.14 26.73 -3.83
C TYR A 80 2.55 25.39 -3.24
N ILE A 81 3.77 24.95 -3.48
CA ILE A 81 4.24 23.69 -2.92
C ILE A 81 4.29 23.79 -1.39
N GLN A 82 4.80 24.91 -0.87
CA GLN A 82 4.85 25.09 0.57
C GLN A 82 3.46 25.01 1.19
N PHE A 83 2.46 25.58 0.51
CA PHE A 83 1.10 25.56 1.04
C PHE A 83 0.53 24.15 1.06
N LEU A 84 0.76 23.39 -0.02
CA LEU A 84 0.27 22.01 -0.05
C LEU A 84 0.93 21.17 1.05
N ASP A 85 2.21 21.43 1.34
CA ASP A 85 2.84 20.76 2.46
C ASP A 85 2.19 21.15 3.78
N SER A 86 1.93 22.44 3.97
CA SER A 86 1.31 22.88 5.22
C SER A 86 -0.09 22.31 5.37
N VAL A 87 -0.82 22.15 4.26
CA VAL A 87 -2.14 21.52 4.34
C VAL A 87 -2.00 20.05 4.70
N ALA A 88 -1.04 19.36 4.10
CA ALA A 88 -0.80 17.96 4.46
C ALA A 88 -0.51 17.84 5.95
N GLU A 89 0.28 18.76 6.51
CA GLU A 89 0.51 18.76 7.95
C GLU A 89 -0.78 19.00 8.72
N TYR A 90 -1.63 19.90 8.21
CA TYR A 90 -2.89 20.20 8.89
C TYR A 90 -3.78 18.97 9.00
N GLU A 91 -3.84 18.15 7.93
CA GLU A 91 -4.78 17.05 7.90
C GLU A 91 -4.50 16.03 8.99
N VAL A 92 -3.24 15.89 9.40
CA VAL A 92 -2.87 14.93 10.43
C VAL A 92 -2.66 15.57 11.79
N THR A 93 -2.89 16.87 11.91
CA THR A 93 -2.73 17.54 13.20
C THR A 93 -3.84 17.09 14.15
N PRO A 94 -3.53 16.91 15.44
CA PRO A 94 -4.58 16.52 16.39
C PRO A 94 -5.71 17.51 16.42
N ASP A 95 -6.87 17.06 16.92
CA ASP A 95 -8.05 17.90 16.97
C ASP A 95 -7.81 19.13 17.84
N GLU A 96 -7.40 18.92 19.09
CA GLU A 96 -7.16 20.03 20.00
C GLU A 96 -6.13 21.02 19.47
N LYS A 97 -5.33 20.63 18.47
CA LYS A 97 -4.31 21.50 17.92
C LYS A 97 -4.64 21.97 16.50
N LEU A 98 -5.87 21.79 16.04
CA LEU A 98 -6.23 22.17 14.68
C LEU A 98 -6.33 23.69 14.55
N GLY A 99 -7.11 24.33 15.42
CA GLY A 99 -7.31 25.76 15.37
C GLY A 99 -6.01 26.53 15.17
N GLU A 100 -5.05 26.29 16.07
CA GLU A 100 -3.75 26.95 15.97
C GLU A 100 -3.13 26.76 14.60
N LYS A 101 -3.00 25.50 14.16
CA LYS A 101 -2.41 25.22 12.86
C LYS A 101 -3.17 25.94 11.74
N GLY A 102 -4.50 25.91 11.80
CA GLY A 102 -5.28 26.61 10.79
C GLY A 102 -4.93 28.08 10.71
N LYS A 103 -4.97 28.76 11.85
CA LYS A 103 -4.64 30.19 11.87
C LYS A 103 -3.25 30.44 11.30
N GLU A 104 -2.28 29.60 11.67
CA GLU A 104 -0.93 29.71 11.13
C GLU A 104 -0.94 29.72 9.61
N ILE A 105 -1.54 28.69 9.00
CA ILE A 105 -1.60 28.62 7.54
C ILE A 105 -2.23 29.88 6.97
N MET A 106 -3.32 30.33 7.56
CA MET A 106 -4.03 31.50 7.05
C MET A 106 -3.11 32.72 7.02
N THR A 107 -2.55 33.09 8.17
CA THR A 107 -1.70 34.27 8.23
C THR A 107 -0.41 34.12 7.44
N LYS A 108 -0.09 32.91 6.98
CA LYS A 108 1.16 32.65 6.25
C LYS A 108 0.97 32.70 4.74
N TYR A 109 -0.07 32.05 4.22
CA TYR A 109 -0.29 31.96 2.78
C TYR A 109 -1.49 32.74 2.27
N LEU A 110 -2.51 32.95 3.11
CA LEU A 110 -3.79 33.48 2.65
C LEU A 110 -4.00 34.95 2.98
N THR A 111 -2.94 35.67 3.39
CA THR A 111 -3.08 37.12 3.59
C THR A 111 -2.53 37.88 2.39
N PRO A 112 -3.24 38.88 1.90
CA PRO A 112 -2.83 39.51 0.63
C PRO A 112 -1.39 40.02 0.62
N LYS A 113 -0.90 40.53 1.74
CA LYS A 113 0.45 41.09 1.80
C LYS A 113 1.50 40.09 2.25
N SER A 114 1.19 38.79 2.19
CA SER A 114 2.15 37.79 2.63
C SER A 114 3.22 37.60 1.56
N PRO A 115 4.48 37.34 1.97
CA PRO A 115 5.52 37.11 0.95
C PRO A 115 5.28 35.87 0.13
N VAL A 116 4.62 34.86 0.70
CA VAL A 116 4.28 33.64 -0.01
C VAL A 116 2.77 33.57 -0.19
N PHE A 117 2.20 34.58 -0.83
CA PHE A 117 0.76 34.69 -0.98
C PHE A 117 0.27 33.84 -2.15
N ILE A 118 -0.76 33.04 -1.91
CA ILE A 118 -1.39 32.22 -2.96
C ILE A 118 -2.35 33.11 -3.73
N ALA A 119 -2.10 33.26 -5.03
CA ALA A 119 -2.83 34.22 -5.85
C ALA A 119 -4.02 33.60 -6.59
N GLN A 120 -3.90 32.37 -7.08
CA GLN A 120 -4.90 31.77 -7.96
C GLN A 120 -6.14 31.30 -7.20
N VAL A 121 -6.09 31.24 -5.89
CA VAL A 121 -7.30 31.01 -5.10
C VAL A 121 -8.06 32.33 -5.03
N GLY A 122 -9.33 32.29 -5.43
CA GLY A 122 -10.11 33.51 -5.49
C GLY A 122 -10.28 34.13 -4.11
N GLN A 123 -10.36 35.47 -4.09
CA GLN A 123 -10.65 36.18 -2.84
C GLN A 123 -11.93 35.63 -2.21
N ASP A 124 -12.90 35.26 -3.02
CA ASP A 124 -14.12 34.64 -2.53
C ASP A 124 -13.89 33.23 -1.99
N LEU A 125 -12.68 32.69 -2.13
CA LEU A 125 -12.32 31.41 -1.53
C LEU A 125 -11.52 31.57 -0.25
N VAL A 126 -10.68 32.60 -0.15
CA VAL A 126 -9.96 32.83 1.10
C VAL A 126 -10.90 33.40 2.15
N SER A 127 -11.87 34.21 1.74
CA SER A 127 -12.87 34.73 2.68
C SER A 127 -13.84 33.62 3.10
N GLN A 128 -14.07 32.63 2.24
CA GLN A 128 -14.88 31.49 2.63
C GLN A 128 -14.19 30.66 3.70
N THR A 129 -12.88 30.41 3.53
CA THR A 129 -12.14 29.69 4.55
C THR A 129 -11.98 30.53 5.81
N GLU A 130 -12.02 31.86 5.68
CA GLU A 130 -12.06 32.72 6.86
C GLU A 130 -13.33 32.46 7.66
N GLU A 131 -14.48 32.39 6.99
CA GLU A 131 -15.72 32.04 7.66
C GLU A 131 -15.61 30.66 8.30
N LYS A 132 -14.99 29.71 7.60
CA LYS A 132 -14.84 28.36 8.14
C LYS A 132 -14.07 28.37 9.45
N LEU A 133 -12.94 29.09 9.49
CA LEU A 133 -12.15 29.12 10.72
C LEU A 133 -12.82 29.96 11.80
N LEU A 134 -13.64 30.94 11.42
CA LEU A 134 -14.41 31.68 12.41
C LEU A 134 -15.30 30.76 13.25
N GLN A 135 -15.62 29.58 12.73
CA GLN A 135 -16.39 28.58 13.46
C GLN A 135 -15.46 27.41 13.84
N LYS A 136 -16.05 26.29 14.23
CA LYS A 136 -15.27 25.12 14.61
C LYS A 136 -14.40 24.68 13.43
N PRO A 137 -13.15 24.29 13.67
CA PRO A 137 -12.29 23.85 12.56
C PRO A 137 -12.52 22.39 12.20
N CYS A 138 -12.22 22.08 10.94
CA CYS A 138 -12.39 20.74 10.39
C CYS A 138 -11.08 20.29 9.75
N LYS A 139 -10.97 18.98 9.54
CA LYS A 139 -9.76 18.43 8.95
C LYS A 139 -9.64 18.80 7.47
N GLU A 140 -10.77 18.95 6.77
CA GLU A 140 -10.79 19.29 5.37
C GLU A 140 -11.05 20.78 5.13
N LEU A 141 -10.62 21.63 6.06
CA LEU A 141 -10.88 23.06 5.92
C LEU A 141 -10.24 23.62 4.66
N PHE A 142 -9.02 23.19 4.35
CA PHE A 142 -8.26 23.73 3.23
C PHE A 142 -8.38 22.88 1.98
N SER A 143 -9.31 21.92 1.93
CA SER A 143 -9.43 21.07 0.76
C SER A 143 -9.83 21.86 -0.48
N ALA A 144 -10.76 22.82 -0.32
CA ALA A 144 -11.15 23.65 -1.44
C ALA A 144 -9.96 24.41 -2.00
N CYS A 145 -9.17 25.03 -1.12
CA CYS A 145 -8.00 25.78 -1.57
C CYS A 145 -7.00 24.86 -2.26
N ALA A 146 -6.72 23.71 -1.65
CA ALA A 146 -5.74 22.78 -2.23
C ALA A 146 -6.17 22.33 -3.62
N GLN A 147 -7.47 22.10 -3.82
CA GLN A 147 -7.96 21.72 -5.14
C GLN A 147 -7.81 22.87 -6.13
N SER A 148 -8.07 24.10 -5.68
CA SER A 148 -7.82 25.26 -6.54
C SER A 148 -6.35 25.34 -6.93
N VAL A 149 -5.45 25.09 -5.98
CA VAL A 149 -4.02 25.13 -6.26
C VAL A 149 -3.67 24.09 -7.32
N HIS A 150 -4.20 22.87 -7.16
CA HIS A 150 -3.88 21.81 -8.11
C HIS A 150 -4.45 22.10 -9.49
N GLU A 151 -5.66 22.66 -9.55
CA GLU A 151 -6.22 23.07 -10.83
C GLU A 151 -5.31 24.08 -11.52
N TYR A 152 -4.64 24.94 -10.74
CA TYR A 152 -3.69 25.88 -11.32
C TYR A 152 -2.45 25.14 -11.82
N LEU A 153 -1.80 24.38 -10.94
CA LEU A 153 -0.55 23.73 -11.32
C LEU A 153 -0.76 22.77 -12.50
N ARG A 154 -1.95 22.18 -12.60
CA ARG A 154 -2.25 21.27 -13.71
C ARG A 154 -2.12 21.95 -15.06
N GLY A 155 -2.24 23.27 -15.11
CA GLY A 155 -2.20 24.00 -16.37
C GLY A 155 -0.82 24.51 -16.73
N GLU A 156 -0.61 25.82 -16.55
CA GLU A 156 0.60 26.43 -17.08
C GLU A 156 1.87 25.89 -16.44
N PRO A 157 1.97 25.77 -15.11
CA PRO A 157 3.21 25.24 -14.52
C PRO A 157 3.56 23.85 -15.01
N PHE A 158 2.56 22.96 -15.12
CA PHE A 158 2.83 21.59 -15.54
C PHE A 158 3.43 21.55 -16.95
N HIS A 159 2.82 22.29 -17.89
CA HIS A 159 3.33 22.26 -19.25
C HIS A 159 4.69 22.95 -19.36
N GLU A 160 4.94 23.95 -18.52
CA GLU A 160 6.29 24.51 -18.43
C GLU A 160 7.27 23.44 -17.96
N TYR A 161 6.89 22.68 -16.93
CA TYR A 161 7.76 21.62 -16.42
C TYR A 161 8.05 20.58 -17.49
N LEU A 162 7.07 20.26 -18.34
CA LEU A 162 7.28 19.26 -19.37
C LEU A 162 8.44 19.64 -20.28
N ASP A 163 8.54 20.92 -20.63
CA ASP A 163 9.64 21.39 -21.48
C ASP A 163 10.84 21.84 -20.67
N SER A 164 11.00 21.35 -19.45
CA SER A 164 12.10 21.71 -18.58
C SER A 164 13.11 20.56 -18.50
N MET A 165 14.31 20.89 -18.03
CA MET A 165 15.34 19.86 -17.86
C MET A 165 14.95 18.83 -16.82
N PHE A 166 13.96 19.13 -15.98
CA PHE A 166 13.58 18.20 -14.92
C PHE A 166 12.72 17.07 -15.45
N PHE A 167 11.82 17.36 -16.39
CA PHE A 167 11.12 16.28 -17.08
C PHE A 167 12.10 15.44 -17.88
N ASP A 168 13.11 16.08 -18.48
CA ASP A 168 14.18 15.33 -19.12
C ASP A 168 14.83 14.37 -18.13
N ARG A 169 15.13 14.85 -16.93
CA ARG A 169 15.70 13.98 -15.89
C ARG A 169 14.73 12.88 -15.49
N PHE A 170 13.42 13.17 -15.51
CA PHE A 170 12.45 12.12 -15.24
C PHE A 170 12.50 11.04 -16.30
N LEU A 171 12.61 11.43 -17.57
CA LEU A 171 12.71 10.45 -18.65
C LEU A 171 13.95 9.56 -18.46
N GLN A 172 15.04 10.15 -17.97
CA GLN A 172 16.21 9.34 -17.64
C GLN A 172 15.90 8.32 -16.56
N TRP A 173 15.19 8.75 -15.50
CA TRP A 173 14.85 7.84 -14.43
C TRP A 173 13.92 6.74 -14.90
N LYS A 174 12.99 7.07 -15.80
CA LYS A 174 12.10 6.04 -16.36
C LYS A 174 12.88 5.05 -17.21
N TRP A 175 13.74 5.56 -18.09
CA TRP A 175 14.61 4.69 -18.89
C TRP A 175 15.32 3.69 -18.00
N LEU A 176 15.87 4.15 -16.88
CA LEU A 176 16.48 3.23 -15.91
C LEU A 176 15.44 2.26 -15.37
N GLU A 177 14.27 2.78 -15.00
CA GLU A 177 13.23 1.95 -14.39
C GLU A 177 12.91 0.73 -15.25
N ARG A 178 12.67 0.95 -16.54
CA ARG A 178 12.22 -0.12 -17.42
C ARG A 178 13.34 -1.07 -17.84
N GLN A 179 14.55 -0.90 -17.31
CA GLN A 179 15.64 -1.80 -17.68
C GLN A 179 15.29 -3.23 -17.28
N PRO A 180 15.82 -4.21 -18.01
CA PRO A 180 15.51 -5.61 -17.68
C PRO A 180 16.09 -6.02 -16.35
N VAL A 181 15.34 -6.83 -15.61
CA VAL A 181 15.78 -7.40 -14.35
C VAL A 181 15.93 -8.90 -14.53
N THR A 182 16.95 -9.47 -13.89
CA THR A 182 17.25 -10.88 -14.00
C THR A 182 17.67 -11.40 -12.63
N LYS A 183 18.17 -12.64 -12.60
CA LYS A 183 18.73 -13.17 -11.37
C LYS A 183 19.91 -12.34 -10.88
N ASN A 184 20.69 -11.78 -11.82
CA ASN A 184 21.87 -11.01 -11.46
C ASN A 184 21.50 -9.67 -10.82
N THR A 185 20.27 -9.19 -11.03
CA THR A 185 19.85 -7.93 -10.42
C THR A 185 19.77 -8.03 -8.90
N PHE A 186 19.60 -9.22 -8.36
CA PHE A 186 19.44 -9.44 -6.93
C PHE A 186 20.50 -10.39 -6.41
N ARG A 187 20.54 -10.55 -5.09
CA ARG A 187 21.41 -11.52 -4.43
C ARG A 187 20.61 -12.18 -3.32
N GLN A 188 20.61 -13.51 -3.29
CA GLN A 188 19.82 -14.27 -2.34
C GLN A 188 20.59 -14.46 -1.04
N TYR A 189 19.84 -14.63 0.05
CA TYR A 189 20.45 -14.74 1.37
C TYR A 189 20.02 -16.00 2.12
N ARG A 190 18.71 -16.19 2.31
CA ARG A 190 18.24 -17.32 3.09
C ARG A 190 16.80 -17.65 2.70
N VAL A 191 16.43 -18.91 2.90
CA VAL A 191 15.04 -19.34 2.76
C VAL A 191 14.33 -19.09 4.07
N LEU A 192 13.08 -18.64 3.99
CA LEU A 192 12.32 -18.24 5.16
C LEU A 192 10.99 -18.96 5.29
N GLY A 193 10.29 -19.22 4.17
CA GLY A 193 8.98 -19.80 4.22
C GLY A 193 8.78 -20.96 3.28
N LYS A 194 9.82 -21.78 3.10
CA LYS A 194 9.72 -23.01 2.34
C LYS A 194 8.55 -23.84 2.86
N GLY A 195 7.52 -24.01 2.03
CA GLY A 195 6.38 -24.80 2.43
C GLY A 195 5.25 -24.83 1.42
N GLY A 196 4.90 -23.66 0.88
CA GLY A 196 3.79 -23.57 -0.03
C GLY A 196 4.10 -24.15 -1.40
N PHE A 197 3.51 -23.56 -2.43
CA PHE A 197 3.76 -23.95 -3.82
C PHE A 197 5.09 -23.43 -4.33
N GLY A 198 6.14 -23.53 -3.50
CA GLY A 198 7.40 -22.89 -3.75
C GLY A 198 8.05 -22.52 -2.43
N GLU A 199 9.01 -21.59 -2.50
CA GLU A 199 9.71 -21.11 -1.31
C GLU A 199 9.79 -19.58 -1.35
N VAL A 200 10.12 -19.00 -0.21
CA VAL A 200 10.29 -17.56 -0.06
C VAL A 200 11.71 -17.32 0.46
N CYS A 201 12.55 -16.73 -0.38
CA CYS A 201 13.92 -16.39 -0.02
C CYS A 201 13.98 -14.93 0.43
N ALA A 202 15.20 -14.47 0.72
CA ALA A 202 15.45 -13.10 1.15
C ALA A 202 16.35 -12.42 0.13
N CYS A 203 15.82 -12.13 -1.05
CA CYS A 203 16.62 -11.46 -2.06
C CYS A 203 16.91 -10.02 -1.64
N GLN A 204 17.96 -9.46 -2.23
CA GLN A 204 18.34 -8.07 -2.02
C GLN A 204 18.83 -7.49 -3.33
N VAL A 205 18.27 -6.33 -3.71
CA VAL A 205 18.79 -5.61 -4.87
C VAL A 205 20.22 -5.18 -4.57
N ARG A 206 21.12 -5.43 -5.52
CA ARG A 206 22.54 -5.24 -5.29
C ARG A 206 22.99 -3.81 -5.51
N ALA A 207 22.47 -3.16 -6.56
CA ALA A 207 22.89 -1.81 -6.87
C ALA A 207 22.41 -0.81 -5.83
N THR A 208 21.30 -1.11 -5.15
CA THR A 208 20.75 -0.22 -4.14
C THR A 208 20.93 -0.72 -2.72
N GLY A 209 20.99 -2.03 -2.51
CA GLY A 209 21.09 -2.59 -1.18
C GLY A 209 19.76 -2.78 -0.47
N LYS A 210 18.66 -2.65 -1.18
CA LYS A 210 17.33 -2.78 -0.58
C LYS A 210 16.96 -4.25 -0.43
N MET A 211 16.41 -4.59 0.74
CA MET A 211 16.03 -5.96 1.06
C MET A 211 14.58 -6.22 0.66
N TYR A 212 14.34 -7.39 0.09
CA TYR A 212 13.00 -7.80 -0.29
C TYR A 212 12.81 -9.25 0.17
N ALA A 213 11.78 -9.90 -0.37
CA ALA A 213 11.52 -11.31 -0.09
C ALA A 213 11.22 -11.99 -1.42
N CYS A 214 12.22 -12.65 -1.98
CA CYS A 214 12.01 -13.48 -3.17
C CYS A 214 10.91 -14.50 -2.88
N LYS A 215 10.05 -14.71 -3.86
CA LYS A 215 8.94 -15.66 -3.75
C LYS A 215 9.05 -16.66 -4.90
N ARG A 216 9.98 -17.59 -4.76
CA ARG A 216 10.28 -18.54 -5.83
C ARG A 216 9.11 -19.50 -6.04
N LEU A 217 8.59 -19.52 -7.26
CA LEU A 217 7.56 -20.48 -7.67
C LEU A 217 8.14 -21.37 -8.75
N GLU A 218 8.28 -22.65 -8.47
CA GLU A 218 8.96 -23.55 -9.39
C GLU A 218 8.08 -23.82 -10.61
N LYS A 219 8.65 -23.56 -11.79
CA LYS A 219 7.91 -23.71 -13.04
C LYS A 219 7.28 -25.08 -13.15
N LYS A 220 7.97 -26.11 -12.66
CA LYS A 220 7.51 -27.48 -12.88
C LYS A 220 6.26 -27.77 -12.08
N ARG A 221 6.26 -27.38 -10.80
CA ARG A 221 5.05 -27.49 -9.99
C ARG A 221 3.89 -26.74 -10.64
N ILE A 222 4.17 -25.55 -11.18
CA ILE A 222 3.10 -24.73 -11.76
C ILE A 222 2.41 -25.50 -12.89
N LYS A 223 3.18 -26.05 -13.83
CA LYS A 223 2.59 -26.78 -14.93
C LYS A 223 1.92 -28.06 -14.46
N LYS A 224 2.58 -28.80 -13.56
CA LYS A 224 2.01 -30.04 -13.05
C LYS A 224 0.67 -29.79 -12.36
N ARG A 225 0.62 -28.80 -11.47
CA ARG A 225 -0.62 -28.48 -10.79
C ARG A 225 -1.63 -27.78 -11.70
N LYS A 226 -1.17 -27.26 -12.83
CA LYS A 226 -2.03 -26.56 -13.79
C LYS A 226 -2.78 -25.42 -13.10
N GLY A 227 -2.00 -24.50 -12.55
CA GLY A 227 -2.53 -23.32 -11.89
C GLY A 227 -1.82 -22.06 -12.33
N GLU A 228 -1.32 -22.06 -13.57
CA GLU A 228 -0.60 -20.90 -14.08
C GLU A 228 -1.45 -19.65 -13.98
N SER A 229 -2.76 -19.78 -14.20
CA SER A 229 -3.64 -18.61 -14.16
C SER A 229 -3.69 -18.01 -12.76
N MET A 230 -3.49 -18.82 -11.71
CA MET A 230 -3.48 -18.28 -10.36
C MET A 230 -2.18 -17.54 -10.05
N ALA A 231 -1.07 -17.96 -10.67
CA ALA A 231 0.17 -17.20 -10.53
C ALA A 231 0.02 -15.80 -11.11
N LEU A 232 -0.54 -15.71 -12.31
CA LEU A 232 -0.80 -14.39 -12.90
C LEU A 232 -1.80 -13.61 -12.07
N ASN A 233 -2.82 -14.29 -11.53
CA ASN A 233 -3.80 -13.59 -10.70
C ASN A 233 -3.12 -12.87 -9.54
N GLU A 234 -2.28 -13.60 -8.79
CA GLU A 234 -1.61 -12.99 -7.64
C GLU A 234 -0.61 -11.93 -8.09
N LYS A 235 0.15 -12.20 -9.16
CA LYS A 235 1.15 -11.24 -9.62
C LYS A 235 0.51 -9.94 -10.08
N GLN A 236 -0.58 -10.04 -10.84
CA GLN A 236 -1.22 -8.84 -11.36
C GLN A 236 -2.01 -8.09 -10.28
N ILE A 237 -2.65 -8.83 -9.38
CA ILE A 237 -3.33 -8.20 -8.24
C ILE A 237 -2.32 -7.39 -7.43
N LEU A 238 -1.13 -7.96 -7.20
CA LEU A 238 -0.11 -7.26 -6.43
C LEU A 238 0.41 -6.02 -7.17
N GLU A 239 0.70 -6.16 -8.46
CA GLU A 239 1.24 -5.04 -9.21
C GLU A 239 0.26 -3.87 -9.27
N LYS A 240 -1.04 -4.16 -9.21
CA LYS A 240 -2.04 -3.09 -9.33
C LYS A 240 -2.23 -2.36 -8.02
N VAL A 241 -2.34 -3.09 -6.92
CA VAL A 241 -2.57 -2.47 -5.62
C VAL A 241 -1.24 -2.00 -5.05
N ASN A 242 -1.25 -0.84 -4.39
CA ASN A 242 -0.09 -0.35 -3.66
C ASN A 242 -0.63 0.28 -2.38
N SER A 243 -0.51 -0.45 -1.28
CA SER A 243 -1.01 -0.04 0.02
C SER A 243 0.12 -0.14 1.04
N GLN A 244 0.05 0.71 2.07
CA GLN A 244 0.96 0.55 3.20
C GLN A 244 0.67 -0.72 3.99
N PHE A 245 -0.48 -1.35 3.77
CA PHE A 245 -0.97 -2.43 4.60
C PHE A 245 -1.19 -3.72 3.83
N VAL A 246 -0.60 -3.82 2.63
CA VAL A 246 -0.57 -5.04 1.86
C VAL A 246 0.81 -5.17 1.23
N VAL A 247 1.36 -6.38 1.25
CA VAL A 247 2.69 -6.59 0.68
C VAL A 247 2.71 -6.05 -0.74
N ASN A 248 3.75 -5.27 -1.07
CA ASN A 248 3.87 -4.62 -2.36
C ASN A 248 4.85 -5.36 -3.25
N LEU A 249 4.43 -5.61 -4.49
CA LEU A 249 5.28 -6.25 -5.48
C LEU A 249 6.18 -5.21 -6.14
N ALA A 250 7.48 -5.48 -6.17
CA ALA A 250 8.46 -4.57 -6.77
C ALA A 250 9.11 -5.13 -8.03
N TYR A 251 9.24 -6.45 -8.14
CA TYR A 251 9.80 -7.06 -9.35
C TYR A 251 9.17 -8.42 -9.56
N ALA A 252 8.98 -8.76 -10.84
CA ALA A 252 8.55 -10.10 -11.23
C ALA A 252 9.41 -10.50 -12.42
N TYR A 253 10.14 -11.62 -12.29
CA TYR A 253 11.00 -12.05 -13.37
C TYR A 253 11.11 -13.57 -13.38
N GLU A 254 11.70 -14.08 -14.45
CA GLU A 254 11.84 -15.51 -14.68
C GLU A 254 13.30 -15.90 -14.56
N THR A 255 13.57 -16.93 -13.76
CA THR A 255 14.88 -17.54 -13.67
C THR A 255 14.75 -19.02 -14.00
N LYS A 256 15.84 -19.62 -14.47
CA LYS A 256 15.88 -21.06 -14.67
C LYS A 256 15.37 -21.77 -13.42
N ASP A 257 14.29 -22.54 -13.58
CA ASP A 257 13.76 -23.45 -12.57
C ASP A 257 12.52 -22.90 -11.86
N ALA A 258 12.35 -21.58 -11.80
CA ALA A 258 11.22 -21.02 -11.05
C ALA A 258 10.92 -19.60 -11.50
N LEU A 259 9.83 -19.05 -10.95
CA LEU A 259 9.39 -17.68 -11.22
C LEU A 259 9.21 -16.98 -9.89
N CYS A 260 10.11 -16.08 -9.53
CA CYS A 260 10.02 -15.45 -8.22
C CYS A 260 9.30 -14.11 -8.31
N LEU A 261 8.74 -13.70 -7.17
CA LEU A 261 8.02 -12.44 -7.02
C LEU A 261 8.68 -11.65 -5.89
N VAL A 262 9.40 -10.59 -6.23
CA VAL A 262 10.08 -9.78 -5.23
C VAL A 262 9.03 -8.97 -4.47
N LEU A 263 8.93 -9.20 -3.15
CA LEU A 263 7.87 -8.64 -2.34
C LEU A 263 8.45 -7.99 -1.08
N THR A 264 7.60 -7.20 -0.43
CA THR A 264 7.98 -6.52 0.81
C THR A 264 8.44 -7.53 1.86
N ILE A 265 9.60 -7.29 2.43
CA ILE A 265 10.11 -8.11 3.53
C ILE A 265 9.38 -7.73 4.81
N MET A 266 9.05 -8.74 5.63
CA MET A 266 8.33 -8.54 6.89
C MET A 266 9.06 -9.34 7.97
N ASN A 267 9.92 -8.65 8.72
CA ASN A 267 10.82 -9.27 9.68
C ASN A 267 10.29 -9.26 11.10
N GLY A 268 9.01 -8.94 11.30
CA GLY A 268 8.44 -8.88 12.62
C GLY A 268 7.62 -10.07 13.05
N GLY A 269 7.49 -11.08 12.20
CA GLY A 269 6.63 -12.21 12.50
C GLY A 269 5.20 -11.98 12.04
N ASP A 270 4.33 -12.91 12.41
CA ASP A 270 2.93 -12.84 12.04
C ASP A 270 2.05 -12.75 13.27
N LEU A 271 0.77 -12.41 13.04
CA LEU A 271 -0.12 -12.10 14.14
C LEU A 271 -0.46 -13.33 14.98
N LYS A 272 -0.45 -14.52 14.37
CA LYS A 272 -0.72 -15.73 15.14
C LYS A 272 0.33 -15.92 16.23
N PHE A 273 1.61 -15.78 15.88
CA PHE A 273 2.66 -15.91 16.88
C PHE A 273 2.46 -14.92 18.02
N HIS A 274 2.13 -13.67 17.70
CA HIS A 274 2.00 -12.65 18.74
C HIS A 274 0.72 -12.82 19.55
N ILE A 275 -0.32 -13.43 18.97
CA ILE A 275 -1.54 -13.68 19.74
C ILE A 275 -1.33 -14.80 20.75
N TYR A 276 -0.68 -15.88 20.34
CA TYR A 276 -0.64 -17.10 21.14
C TYR A 276 0.68 -17.32 21.86
N ASN A 277 1.82 -17.05 21.21
CA ASN A 277 3.10 -17.26 21.88
C ASN A 277 3.49 -16.04 22.72
N MET A 278 3.20 -14.84 22.23
CA MET A 278 3.53 -13.59 22.91
C MET A 278 2.31 -12.94 23.55
N GLY A 279 1.17 -13.63 23.58
CA GLY A 279 -0.06 -13.08 24.10
C GLY A 279 -0.52 -13.76 25.37
N ASN A 280 -1.74 -13.39 25.79
CA ASN A 280 -2.25 -13.79 27.09
C ASN A 280 -2.69 -15.26 27.19
N PRO A 281 -3.13 -15.92 26.11
CA PRO A 281 -3.20 -15.51 24.69
C PRO A 281 -4.18 -14.38 24.44
N GLY A 282 -3.89 -13.53 23.47
CA GLY A 282 -4.73 -12.40 23.15
C GLY A 282 -4.05 -11.08 23.46
N PHE A 283 -4.66 -10.02 22.97
CA PHE A 283 -4.19 -8.66 23.14
C PHE A 283 -5.19 -7.86 23.97
N GLU A 284 -4.76 -6.70 24.43
CA GLU A 284 -5.71 -5.73 24.94
C GLU A 284 -6.50 -5.14 23.78
N GLU A 285 -7.72 -4.66 24.08
CA GLU A 285 -8.57 -4.11 23.04
C GLU A 285 -7.84 -3.01 22.26
N GLU A 286 -7.13 -2.14 22.98
CA GLU A 286 -6.45 -1.04 22.29
C GLU A 286 -5.44 -1.57 21.29
N ARG A 287 -4.68 -2.61 21.65
CA ARG A 287 -3.73 -3.19 20.71
C ARG A 287 -4.46 -3.79 19.51
N ALA A 288 -5.48 -4.61 19.76
CA ALA A 288 -6.26 -5.18 18.67
C ALA A 288 -6.83 -4.09 17.78
N LEU A 289 -7.25 -2.96 18.38
CA LEU A 289 -7.76 -1.84 17.61
C LEU A 289 -6.74 -1.38 16.57
N PHE A 290 -5.48 -1.20 17.01
CA PHE A 290 -4.45 -0.74 16.08
C PHE A 290 -4.34 -1.69 14.89
N TYR A 291 -4.17 -2.99 15.17
CA TYR A 291 -4.00 -3.96 14.08
C TYR A 291 -5.24 -4.02 13.20
N ALA A 292 -6.43 -3.99 13.80
CA ALA A 292 -7.65 -4.07 13.01
C ALA A 292 -7.81 -2.84 12.12
N ALA A 293 -7.41 -1.67 12.63
CA ALA A 293 -7.49 -0.45 11.83
C ALA A 293 -6.60 -0.53 10.61
N GLU A 294 -5.38 -1.05 10.77
CA GLU A 294 -4.49 -1.19 9.62
C GLU A 294 -4.99 -2.27 8.67
N ILE A 295 -5.53 -3.36 9.22
CA ILE A 295 -6.07 -4.42 8.37
C ILE A 295 -7.27 -3.90 7.57
N LEU A 296 -8.15 -3.14 8.21
CA LEU A 296 -9.30 -2.58 7.50
C LEU A 296 -8.82 -1.65 6.38
N CYS A 297 -7.76 -0.89 6.63
CA CYS A 297 -7.20 -0.03 5.59
C CYS A 297 -6.61 -0.85 4.46
N GLY A 298 -5.94 -1.96 4.77
CA GLY A 298 -5.47 -2.84 3.72
C GLY A 298 -6.62 -3.39 2.88
N LEU A 299 -7.65 -3.91 3.54
CA LEU A 299 -8.79 -4.46 2.81
C LEU A 299 -9.47 -3.41 1.94
N GLU A 300 -9.55 -2.17 2.46
CA GLU A 300 -10.14 -1.09 1.69
C GLU A 300 -9.34 -0.83 0.42
N ASP A 301 -8.01 -0.85 0.52
CA ASP A 301 -7.17 -0.62 -0.66
C ASP A 301 -7.35 -1.74 -1.67
N LEU A 302 -7.49 -2.99 -1.20
CA LEU A 302 -7.75 -4.09 -2.11
C LEU A 302 -9.12 -3.96 -2.76
N HIS A 303 -10.12 -3.56 -1.98
CA HIS A 303 -11.49 -3.48 -2.51
C HIS A 303 -11.63 -2.36 -3.52
N ARG A 304 -10.83 -1.30 -3.41
CA ARG A 304 -10.88 -0.25 -4.42
C ARG A 304 -10.62 -0.81 -5.81
N GLU A 305 -9.89 -1.92 -5.90
CA GLU A 305 -9.69 -2.64 -7.15
C GLU A 305 -10.68 -3.80 -7.28
N ASN A 306 -11.83 -3.70 -6.62
CA ASN A 306 -12.84 -4.76 -6.57
C ASN A 306 -12.19 -6.14 -6.52
N THR A 307 -11.26 -6.28 -5.59
CA THR A 307 -10.51 -7.51 -5.39
C THR A 307 -10.79 -8.03 -3.98
N VAL A 308 -11.23 -9.28 -3.89
CA VAL A 308 -11.53 -9.92 -2.62
C VAL A 308 -10.33 -10.78 -2.22
N TYR A 309 -10.03 -10.80 -0.92
CA TYR A 309 -8.83 -11.47 -0.41
C TYR A 309 -9.09 -12.94 -0.10
N ARG A 310 -10.15 -13.23 0.66
CA ARG A 310 -10.67 -14.56 0.91
C ARG A 310 -9.76 -15.43 1.78
N ASN A 311 -8.65 -14.89 2.30
CA ASN A 311 -7.70 -15.71 3.02
C ASN A 311 -7.27 -15.06 4.33
N LEU A 312 -8.15 -14.32 4.96
CA LEU A 312 -7.81 -13.58 6.16
C LEU A 312 -7.72 -14.53 7.34
N LYS A 313 -6.53 -14.66 7.91
CA LYS A 313 -6.31 -15.42 9.13
C LYS A 313 -5.04 -14.90 9.79
N PRO A 314 -4.88 -15.12 11.10
CA PRO A 314 -3.79 -14.44 11.83
C PRO A 314 -2.41 -14.66 11.22
N GLU A 315 -2.11 -15.87 10.75
CA GLU A 315 -0.78 -16.14 10.22
C GLU A 315 -0.50 -15.41 8.91
N ASN A 316 -1.49 -14.78 8.29
CA ASN A 316 -1.27 -14.02 7.07
C ASN A 316 -1.09 -12.53 7.33
N ILE A 317 -1.40 -12.04 8.53
CA ILE A 317 -1.07 -10.67 8.91
C ILE A 317 0.35 -10.70 9.47
N LEU A 318 1.27 -10.04 8.77
CA LEU A 318 2.67 -10.02 9.15
C LEU A 318 3.02 -8.68 9.80
N LEU A 319 4.14 -8.65 10.51
CA LEU A 319 4.66 -7.44 11.13
C LEU A 319 6.00 -7.08 10.52
N ASP A 320 6.26 -5.79 10.39
CA ASP A 320 7.53 -5.30 9.86
C ASP A 320 8.46 -4.94 11.02
N ASP A 321 9.56 -4.25 10.72
CA ASP A 321 10.54 -3.93 11.75
C ASP A 321 10.04 -2.88 12.72
N TYR A 322 9.01 -2.12 12.35
CA TYR A 322 8.50 -1.05 13.19
C TYR A 322 7.30 -1.44 14.02
N GLY A 323 6.66 -2.57 13.73
CA GLY A 323 5.45 -2.97 14.41
C GLY A 323 4.19 -2.80 13.58
N HIS A 324 4.29 -2.26 12.38
CA HIS A 324 3.12 -2.15 11.51
C HIS A 324 2.88 -3.46 10.77
N ILE A 325 1.65 -3.62 10.27
CA ILE A 325 1.22 -4.89 9.73
C ILE A 325 0.91 -4.75 8.24
N ARG A 326 0.94 -5.88 7.55
CA ARG A 326 0.58 -5.97 6.14
C ARG A 326 -0.10 -7.30 5.88
N ILE A 327 -1.08 -7.30 4.97
CA ILE A 327 -1.66 -8.53 4.47
C ILE A 327 -0.68 -9.19 3.51
N SER A 328 -0.58 -10.53 3.58
CA SER A 328 0.52 -11.24 2.94
C SER A 328 0.04 -12.19 1.84
N ASP A 329 -0.54 -13.34 2.17
CA ASP A 329 -0.75 -14.38 1.17
C ASP A 329 -1.93 -14.02 0.26
N LEU A 330 -1.64 -13.45 -0.91
CA LEU A 330 -2.66 -13.11 -1.88
C LEU A 330 -2.88 -14.21 -2.91
N GLY A 331 -2.48 -15.45 -2.59
CA GLY A 331 -2.66 -16.55 -3.51
C GLY A 331 -4.10 -16.93 -3.77
N LEU A 332 -5.01 -16.51 -2.90
CA LEU A 332 -6.43 -16.77 -3.07
C LEU A 332 -7.21 -15.56 -3.52
N ALA A 333 -6.56 -14.42 -3.73
CA ALA A 333 -7.26 -13.22 -4.14
C ALA A 333 -7.73 -13.34 -5.58
N VAL A 334 -8.81 -12.61 -5.91
CA VAL A 334 -9.36 -12.58 -7.25
C VAL A 334 -9.99 -11.21 -7.48
N LYS A 335 -9.90 -10.73 -8.71
CA LYS A 335 -10.48 -9.43 -9.09
C LYS A 335 -11.91 -9.67 -9.53
N ILE A 336 -12.86 -9.43 -8.63
CA ILE A 336 -14.27 -9.60 -8.91
C ILE A 336 -14.67 -8.63 -10.02
N PRO A 337 -15.24 -9.10 -11.14
CA PRO A 337 -15.67 -8.16 -12.17
C PRO A 337 -16.74 -7.23 -11.63
N GLU A 338 -16.60 -5.93 -11.92
CA GLU A 338 -17.53 -4.96 -11.38
C GLU A 338 -18.96 -5.28 -11.82
N GLY A 339 -19.90 -5.13 -10.88
CA GLY A 339 -21.26 -5.52 -11.14
C GLY A 339 -21.45 -7.01 -11.34
N ASP A 340 -20.56 -7.82 -10.77
CA ASP A 340 -20.60 -9.26 -10.92
C ASP A 340 -20.29 -9.91 -9.58
N LEU A 341 -20.64 -11.19 -9.48
CA LEU A 341 -20.32 -12.02 -8.32
C LEU A 341 -19.49 -13.21 -8.77
N ILE A 342 -18.81 -13.85 -7.81
CA ILE A 342 -17.95 -14.97 -8.11
C ILE A 342 -18.34 -16.16 -7.25
N ARG A 343 -17.78 -17.32 -7.59
CA ARG A 343 -18.06 -18.57 -6.91
C ARG A 343 -16.73 -19.22 -6.52
N GLY A 344 -16.68 -19.79 -5.33
CA GLY A 344 -15.49 -20.53 -4.95
C GLY A 344 -15.39 -20.90 -3.47
N ARG A 345 -15.49 -22.19 -3.17
CA ARG A 345 -15.27 -22.70 -1.82
C ARG A 345 -13.76 -22.80 -1.60
N VAL A 346 -13.17 -21.71 -1.11
CA VAL A 346 -11.73 -21.65 -0.87
C VAL A 346 -11.49 -20.98 0.47
N GLY A 347 -10.38 -21.34 1.09
CA GLY A 347 -9.95 -20.72 2.33
C GLY A 347 -9.48 -21.77 3.31
N THR A 348 -9.47 -21.38 4.58
CA THR A 348 -9.00 -22.22 5.67
C THR A 348 -10.18 -22.57 6.57
N VAL A 349 -10.24 -23.83 6.99
CA VAL A 349 -11.31 -24.24 7.90
C VAL A 349 -11.34 -23.28 9.08
N GLY A 350 -12.55 -22.86 9.44
CA GLY A 350 -12.74 -21.97 10.56
C GLY A 350 -12.62 -20.50 10.23
N TYR A 351 -12.15 -20.16 9.04
CA TYR A 351 -12.05 -18.78 8.60
C TYR A 351 -12.79 -18.54 7.29
N MET A 352 -13.80 -19.38 7.01
CA MET A 352 -14.59 -19.27 5.78
C MET A 352 -15.96 -18.71 6.11
N ALA A 353 -16.31 -17.60 5.47
CA ALA A 353 -17.62 -17.00 5.67
C ALA A 353 -18.72 -17.98 5.26
N PRO A 354 -19.91 -17.87 5.85
CA PRO A 354 -20.97 -18.83 5.50
C PRO A 354 -21.31 -18.86 4.02
N GLU A 355 -21.30 -17.72 3.34
CA GLU A 355 -21.60 -17.71 1.92
C GLU A 355 -20.58 -18.54 1.14
N VAL A 356 -19.36 -18.66 1.66
CA VAL A 356 -18.33 -19.44 0.98
C VAL A 356 -18.52 -20.92 1.27
N LEU A 357 -18.72 -21.27 2.55
CA LEU A 357 -18.90 -22.68 2.92
C LEU A 357 -20.03 -23.31 2.11
N ASN A 358 -21.08 -22.54 1.83
CA ASN A 358 -22.20 -23.04 1.04
C ASN A 358 -21.96 -22.97 -0.46
N ASN A 359 -20.84 -22.39 -0.89
CA ASN A 359 -20.57 -22.21 -2.32
C ASN A 359 -21.63 -21.36 -2.99
N GLN A 360 -22.08 -20.32 -2.30
CA GLN A 360 -22.96 -19.33 -2.89
C GLN A 360 -22.12 -18.33 -3.69
N ARG A 361 -22.80 -17.52 -4.50
CA ARG A 361 -22.13 -16.44 -5.21
C ARG A 361 -22.00 -15.24 -4.28
N TYR A 362 -20.78 -14.73 -4.14
CA TYR A 362 -20.50 -13.67 -3.18
C TYR A 362 -19.67 -12.57 -3.84
N GLY A 363 -19.51 -11.48 -3.10
CA GLY A 363 -18.70 -10.36 -3.54
C GLY A 363 -17.50 -10.17 -2.65
N LEU A 364 -17.41 -9.02 -1.99
CA LEU A 364 -16.31 -8.72 -1.07
C LEU A 364 -16.61 -9.13 0.36
N SER A 365 -17.82 -9.64 0.63
CA SER A 365 -18.23 -9.85 2.01
C SER A 365 -17.35 -10.81 2.81
N PRO A 366 -16.73 -11.84 2.22
CA PRO A 366 -15.89 -12.72 3.04
C PRO A 366 -14.79 -11.99 3.79
N ASP A 367 -14.23 -10.93 3.19
CA ASP A 367 -13.17 -10.19 3.85
C ASP A 367 -13.65 -9.53 5.13
N TYR A 368 -14.90 -9.06 5.16
CA TYR A 368 -15.42 -8.45 6.39
C TYR A 368 -15.80 -9.50 7.42
N TRP A 369 -16.22 -10.69 6.98
CA TRP A 369 -16.32 -11.81 7.91
C TRP A 369 -14.95 -12.14 8.50
N GLY A 370 -13.91 -12.15 7.66
CA GLY A 370 -12.58 -12.41 8.17
C GLY A 370 -12.12 -11.35 9.16
N LEU A 371 -12.40 -10.09 8.86
CA LEU A 371 -12.07 -9.02 9.80
C LEU A 371 -12.73 -9.27 11.15
N GLY A 372 -14.02 -9.62 11.15
CA GLY A 372 -14.68 -9.98 12.39
C GLY A 372 -13.97 -11.09 13.11
N CYS A 373 -13.65 -12.17 12.39
CA CYS A 373 -12.90 -13.27 12.99
C CYS A 373 -11.61 -12.79 13.64
N LEU A 374 -10.89 -11.89 12.98
CA LEU A 374 -9.58 -11.48 13.47
C LEU A 374 -9.70 -10.61 14.72
N ILE A 375 -10.63 -9.67 14.72
CA ILE A 375 -10.80 -8.81 15.90
C ILE A 375 -11.18 -9.67 17.10
N TYR A 376 -12.16 -10.57 16.92
CA TYR A 376 -12.51 -11.50 17.98
C TYR A 376 -11.28 -12.25 18.46
N GLU A 377 -10.59 -12.91 17.53
CA GLU A 377 -9.48 -13.79 17.93
C GLU A 377 -8.39 -13.00 18.64
N MET A 378 -8.14 -11.76 18.20
CA MET A 378 -7.13 -10.95 18.88
C MET A 378 -7.54 -10.66 20.32
N ILE A 379 -8.80 -10.30 20.54
CA ILE A 379 -9.23 -9.87 21.87
C ILE A 379 -9.38 -11.04 22.81
N GLU A 380 -9.94 -12.16 22.33
CA GLU A 380 -10.30 -13.27 23.20
C GLU A 380 -9.23 -14.33 23.31
N GLY A 381 -8.26 -14.38 22.39
CA GLY A 381 -7.26 -15.42 22.42
C GLY A 381 -7.72 -16.74 21.89
N GLN A 382 -8.82 -16.77 21.13
CA GLN A 382 -9.30 -17.99 20.50
C GLN A 382 -10.28 -17.62 19.40
N SER A 383 -10.57 -18.59 18.54
CA SER A 383 -11.50 -18.37 17.44
C SER A 383 -12.93 -18.26 17.97
N PRO A 384 -13.78 -17.47 17.31
CA PRO A 384 -15.17 -17.36 17.77
C PRO A 384 -15.96 -18.65 17.68
N PHE A 385 -15.57 -19.60 16.81
CA PHE A 385 -16.32 -20.83 16.61
C PHE A 385 -15.50 -22.06 16.92
N ARG A 386 -14.41 -21.91 17.66
CA ARG A 386 -13.57 -23.04 18.04
C ARG A 386 -12.69 -22.60 19.21
N GLY A 387 -12.62 -23.45 20.23
CA GLY A 387 -11.82 -23.13 21.40
C GLY A 387 -10.37 -23.55 21.22
N ARG A 388 -9.47 -22.74 21.77
CA ARG A 388 -8.05 -23.08 21.74
C ARG A 388 -7.83 -24.46 22.34
N LYS A 389 -8.60 -24.81 23.37
CA LYS A 389 -8.50 -26.09 24.05
C LYS A 389 -9.50 -27.11 23.53
N GLU A 390 -10.30 -26.74 22.54
CA GLU A 390 -11.31 -27.65 22.01
C GLU A 390 -10.70 -28.56 20.95
N LYS A 391 -11.31 -29.74 20.80
CA LYS A 391 -10.91 -30.72 19.78
C LYS A 391 -12.18 -31.10 19.03
N VAL A 392 -12.43 -30.44 17.89
CA VAL A 392 -13.66 -30.59 17.14
C VAL A 392 -13.34 -30.90 15.69
N LYS A 393 -14.27 -31.56 15.01
CA LYS A 393 -14.14 -31.89 13.61
C LYS A 393 -14.63 -30.74 12.74
N ARG A 394 -13.99 -30.59 11.57
CA ARG A 394 -14.33 -29.54 10.61
C ARG A 394 -15.83 -29.40 10.45
N GLU A 395 -16.54 -30.52 10.59
CA GLU A 395 -17.98 -30.52 10.37
C GLU A 395 -18.69 -29.67 11.41
N GLU A 396 -18.30 -29.86 12.69
CA GLU A 396 -18.91 -29.09 13.76
C GLU A 396 -18.45 -27.63 13.72
N VAL A 397 -17.20 -27.38 13.33
CA VAL A 397 -16.73 -26.02 13.20
C VAL A 397 -17.58 -25.28 12.17
N ASP A 398 -17.81 -25.91 11.02
CA ASP A 398 -18.61 -25.27 9.97
C ASP A 398 -20.06 -25.13 10.40
N ARG A 399 -20.60 -26.14 11.08
CA ARG A 399 -21.97 -26.03 11.58
C ARG A 399 -22.13 -24.82 12.49
N ARG A 400 -21.12 -24.55 13.32
CA ARG A 400 -21.18 -23.38 14.20
C ARG A 400 -21.09 -22.09 13.40
N VAL A 401 -20.15 -22.03 12.45
CA VAL A 401 -20.02 -20.86 11.60
C VAL A 401 -21.33 -20.56 10.89
N LEU A 402 -22.14 -21.58 10.63
CA LEU A 402 -23.37 -21.42 9.86
C LEU A 402 -24.63 -21.38 10.71
N GLU A 403 -24.55 -21.71 12.00
CA GLU A 403 -25.76 -21.87 12.80
C GLU A 403 -25.61 -21.26 14.19
N THR A 404 -24.42 -21.40 14.78
CA THR A 404 -24.20 -20.95 16.14
C THR A 404 -23.88 -19.46 16.19
N GLU A 405 -24.43 -18.79 17.20
CA GLU A 405 -24.14 -17.38 17.46
C GLU A 405 -23.00 -17.29 18.47
N GLU A 406 -21.95 -16.55 18.12
CA GLU A 406 -20.78 -16.47 18.97
C GLU A 406 -21.12 -15.80 20.30
N VAL A 407 -20.25 -16.02 21.29
CA VAL A 407 -20.40 -15.46 22.62
C VAL A 407 -19.19 -14.59 22.93
N TYR A 408 -19.43 -13.54 23.72
CA TYR A 408 -18.38 -12.58 24.07
C TYR A 408 -18.16 -12.60 25.58
N SER A 409 -17.10 -11.90 25.99
CA SER A 409 -16.66 -11.88 27.38
C SER A 409 -16.42 -10.44 27.81
N HIS A 410 -15.98 -10.28 29.06
CA HIS A 410 -15.63 -8.96 29.59
C HIS A 410 -14.38 -8.38 28.96
N LYS A 411 -13.65 -9.15 28.15
CA LYS A 411 -12.53 -8.59 27.42
C LYS A 411 -12.98 -7.62 26.35
N PHE A 412 -14.21 -7.74 25.87
CA PHE A 412 -14.77 -6.88 24.84
C PHE A 412 -15.55 -5.74 25.48
N SER A 413 -15.34 -4.52 24.99
CA SER A 413 -16.27 -3.44 25.24
C SER A 413 -17.56 -3.68 24.46
N GLU A 414 -18.61 -2.95 24.83
CA GLU A 414 -19.83 -3.03 24.05
C GLU A 414 -19.55 -2.71 22.59
N GLU A 415 -18.67 -1.75 22.33
CA GLU A 415 -18.33 -1.38 20.96
C GLU A 415 -17.63 -2.53 20.24
N ALA A 416 -16.69 -3.20 20.92
CA ALA A 416 -16.01 -4.33 20.31
C ALA A 416 -16.99 -5.47 20.04
N LYS A 417 -17.82 -5.80 21.03
CA LYS A 417 -18.89 -6.78 20.80
C LYS A 417 -19.69 -6.41 19.57
N SER A 418 -20.11 -5.15 19.48
CA SER A 418 -20.95 -4.71 18.38
C SER A 418 -20.28 -4.97 17.03
N ILE A 419 -19.07 -4.43 16.84
CA ILE A 419 -18.43 -4.54 15.54
C ILE A 419 -18.19 -6.00 15.18
N CYS A 420 -17.82 -6.82 16.17
CA CYS A 420 -17.59 -8.24 15.89
C CYS A 420 -18.89 -8.95 15.51
N LYS A 421 -19.99 -8.60 16.16
CA LYS A 421 -21.27 -9.21 15.80
C LYS A 421 -21.70 -8.78 14.41
N MET A 422 -21.60 -7.48 14.12
CA MET A 422 -22.03 -6.98 12.82
C MET A 422 -21.17 -7.55 11.70
N LEU A 423 -19.85 -7.63 11.92
CA LEU A 423 -18.98 -8.23 10.92
C LEU A 423 -19.18 -9.73 10.80
N LEU A 424 -19.52 -10.39 11.92
CA LEU A 424 -19.82 -11.81 11.90
C LEU A 424 -21.31 -12.08 11.65
N THR A 425 -22.02 -11.13 11.06
CA THR A 425 -23.40 -11.36 10.64
C THR A 425 -23.43 -12.41 9.54
N LYS A 426 -24.19 -13.48 9.76
CA LYS A 426 -24.19 -14.59 8.80
C LYS A 426 -24.71 -14.17 7.44
N ASP A 427 -25.67 -13.25 7.40
CA ASP A 427 -26.28 -12.81 6.15
C ASP A 427 -25.44 -11.68 5.56
N ALA A 428 -24.74 -11.97 4.46
CA ALA A 428 -23.84 -10.98 3.88
C ALA A 428 -24.56 -9.68 3.53
N LYS A 429 -25.89 -9.72 3.37
CA LYS A 429 -26.63 -8.49 3.09
C LYS A 429 -26.75 -7.61 4.31
N GLN A 430 -26.73 -8.18 5.52
CA GLN A 430 -26.80 -7.43 6.76
C GLN A 430 -25.43 -7.18 7.38
N ARG A 431 -24.37 -7.69 6.76
CA ARG A 431 -23.05 -7.63 7.36
C ARG A 431 -22.42 -6.25 7.18
N LEU A 432 -21.80 -5.76 8.25
CA LEU A 432 -21.15 -4.45 8.23
C LEU A 432 -20.11 -4.40 7.12
N GLY A 433 -20.03 -3.25 6.45
CA GLY A 433 -19.08 -3.04 5.39
C GLY A 433 -19.46 -3.68 4.06
N CYS A 434 -20.44 -4.57 4.04
CA CYS A 434 -20.88 -5.23 2.82
C CYS A 434 -22.01 -4.47 2.12
N GLN A 435 -22.09 -3.17 2.34
CA GLN A 435 -23.08 -2.32 1.71
C GLN A 435 -22.39 -1.49 0.63
N GLU A 436 -23.13 -0.55 0.04
CA GLU A 436 -22.54 0.31 -0.97
C GLU A 436 -21.48 1.23 -0.39
N GLU A 437 -21.53 1.51 0.90
CA GLU A 437 -20.58 2.45 1.48
C GLU A 437 -19.21 1.82 1.67
N GLY A 438 -19.15 0.50 1.87
CA GLY A 438 -17.86 -0.16 1.95
C GLY A 438 -17.16 0.10 3.27
N ALA A 439 -15.83 0.22 3.19
CA ALA A 439 -15.01 0.33 4.39
C ALA A 439 -15.38 1.54 5.23
N ALA A 440 -15.90 2.60 4.59
CA ALA A 440 -16.30 3.78 5.34
C ALA A 440 -17.23 3.41 6.49
N GLU A 441 -18.22 2.55 6.20
CA GLU A 441 -19.15 2.11 7.25
C GLU A 441 -18.39 1.50 8.42
N VAL A 442 -17.47 0.59 8.15
CA VAL A 442 -16.72 -0.06 9.22
C VAL A 442 -15.87 0.96 9.97
N LYS A 443 -15.30 1.92 9.23
CA LYS A 443 -14.44 2.91 9.87
C LYS A 443 -15.22 3.85 10.79
N ARG A 444 -16.51 4.06 10.52
CA ARG A 444 -17.34 4.90 11.37
C ARG A 444 -17.86 4.17 12.60
N HIS A 445 -17.72 2.85 12.64
CA HIS A 445 -18.29 2.09 13.76
C HIS A 445 -17.70 2.59 15.08
N PRO A 446 -18.53 2.67 16.13
CA PRO A 446 -18.01 3.20 17.41
C PRO A 446 -16.78 2.48 17.93
N PHE A 447 -16.48 1.27 17.43
CA PHE A 447 -15.29 0.57 17.88
C PHE A 447 -14.03 1.35 17.54
N PHE A 448 -14.04 2.12 16.46
CA PHE A 448 -12.92 2.95 16.06
C PHE A 448 -13.10 4.42 16.45
N ARG A 449 -13.98 4.68 17.42
CA ARG A 449 -14.31 6.06 17.76
C ARG A 449 -13.09 6.88 18.14
N ASN A 450 -12.07 6.25 18.71
CA ASN A 450 -10.86 6.95 19.14
C ASN A 450 -9.70 6.79 18.15
N MET A 451 -9.99 6.41 16.91
CA MET A 451 -8.98 6.16 15.90
C MET A 451 -9.00 7.28 14.86
N ASN A 452 -7.86 7.96 14.69
CA ASN A 452 -7.71 8.96 13.64
C ASN A 452 -7.11 8.25 12.43
N PHE A 453 -7.97 7.77 11.54
CA PHE A 453 -7.49 7.01 10.40
C PHE A 453 -6.52 7.83 9.54
N LYS A 454 -6.74 9.14 9.44
CA LYS A 454 -5.79 9.96 8.69
C LYS A 454 -4.38 9.79 9.22
N ARG A 455 -4.21 9.94 10.54
CA ARG A 455 -2.88 9.80 11.12
C ARG A 455 -2.37 8.36 11.03
N LEU A 456 -3.28 7.38 11.02
CA LEU A 456 -2.87 6.00 10.85
C LEU A 456 -2.31 5.76 9.46
N GLU A 457 -3.01 6.22 8.43
CA GLU A 457 -2.54 6.03 7.06
C GLU A 457 -1.27 6.82 6.79
N ALA A 458 -1.01 7.87 7.56
CA ALA A 458 0.21 8.66 7.43
C ALA A 458 1.34 8.12 8.29
N GLY A 459 1.16 6.95 8.92
CA GLY A 459 2.21 6.37 9.73
C GLY A 459 2.58 7.14 10.97
N MET A 460 1.68 7.98 11.47
CA MET A 460 1.98 8.81 12.62
C MET A 460 1.68 8.14 13.95
N LEU A 461 0.66 7.30 14.02
CA LEU A 461 0.34 6.62 15.27
C LEU A 461 1.37 5.54 15.56
N ASP A 462 1.95 5.58 16.77
CA ASP A 462 2.99 4.62 17.14
C ASP A 462 2.39 3.22 17.25
N PRO A 463 3.01 2.20 16.63
CA PRO A 463 2.49 0.84 16.81
C PRO A 463 2.70 0.36 18.24
N PRO A 464 1.84 -0.54 18.72
CA PRO A 464 1.94 -0.93 20.15
C PRO A 464 3.12 -1.82 20.48
N PHE A 465 3.55 -2.68 19.56
CA PHE A 465 4.66 -3.59 19.80
C PHE A 465 5.71 -3.37 18.72
N VAL A 466 6.97 -3.27 19.15
CA VAL A 466 8.09 -3.02 18.25
C VAL A 466 8.95 -4.28 18.20
N PRO A 467 8.95 -5.02 17.09
CA PRO A 467 9.85 -6.17 16.98
C PRO A 467 11.30 -5.78 17.15
N ASP A 468 12.02 -6.53 17.98
CA ASP A 468 13.45 -6.28 18.17
C ASP A 468 14.21 -6.71 16.91
N PRO A 469 15.15 -5.90 16.43
CA PRO A 469 15.80 -6.22 15.15
C PRO A 469 16.39 -7.62 15.09
N ARG A 470 17.09 -8.02 16.14
CA ARG A 470 17.81 -9.29 16.22
C ARG A 470 16.93 -10.38 16.83
N ALA A 471 15.70 -10.49 16.34
CA ALA A 471 14.72 -11.45 16.82
C ALA A 471 14.42 -12.49 15.74
N VAL A 472 13.90 -13.63 16.18
CA VAL A 472 13.45 -14.68 15.26
C VAL A 472 12.06 -15.13 15.68
N TYR A 473 11.04 -14.40 15.23
CA TYR A 473 9.65 -14.64 15.64
C TYR A 473 9.07 -15.76 14.79
N CYS A 474 9.43 -16.99 15.15
CA CYS A 474 8.92 -18.17 14.44
C CYS A 474 8.81 -19.36 15.40
N ASN A 490 8.14 -29.54 -21.53
CA ASN A 490 8.89 -28.51 -20.83
C ASN A 490 9.27 -27.37 -21.78
N LEU A 491 9.69 -27.73 -22.99
CA LEU A 491 10.10 -26.75 -23.99
C LEU A 491 8.94 -26.24 -24.83
N ASP A 492 7.72 -26.35 -24.34
CA ASP A 492 6.55 -25.90 -25.07
C ASP A 492 6.59 -24.38 -25.26
N HIS A 493 5.86 -23.91 -26.26
CA HIS A 493 5.71 -22.47 -26.51
C HIS A 493 4.52 -21.88 -25.79
N THR A 494 3.66 -22.71 -25.18
CA THR A 494 2.56 -22.19 -24.37
C THR A 494 3.08 -21.60 -23.07
N ASP A 495 3.95 -22.34 -22.37
CA ASP A 495 4.61 -21.81 -21.19
C ASP A 495 5.33 -20.50 -21.51
N ASP A 496 5.86 -20.37 -22.73
CA ASP A 496 6.56 -19.15 -23.10
C ASP A 496 5.64 -17.94 -22.99
N ASP A 497 4.39 -18.06 -23.45
CA ASP A 497 3.47 -16.94 -23.36
C ASP A 497 3.04 -16.70 -21.91
N PHE A 498 2.83 -17.76 -21.14
CA PHE A 498 2.51 -17.61 -19.72
C PHE A 498 3.61 -16.84 -19.00
N TYR A 499 4.87 -17.05 -19.39
CA TYR A 499 5.95 -16.32 -18.74
C TYR A 499 6.06 -14.90 -19.29
N SER A 500 5.88 -14.73 -20.60
CA SER A 500 5.88 -13.39 -21.19
C SER A 500 4.93 -12.46 -20.46
N LYS A 501 3.81 -12.99 -19.98
CA LYS A 501 2.86 -12.19 -19.23
C LYS A 501 3.23 -12.09 -17.76
N PHE A 502 3.98 -13.06 -17.23
CA PHE A 502 4.36 -13.02 -15.83
C PHE A 502 5.61 -12.15 -15.62
N SER A 503 6.70 -12.50 -16.29
CA SER A 503 7.97 -11.78 -16.12
C SER A 503 7.89 -10.45 -16.84
N THR A 504 7.25 -9.48 -16.19
CA THR A 504 7.08 -8.15 -16.74
C THR A 504 8.25 -7.22 -16.42
N GLY A 505 8.83 -7.35 -15.22
CA GLY A 505 9.95 -6.54 -14.82
C GLY A 505 9.64 -5.75 -13.55
N SER A 506 10.21 -4.55 -13.49
CA SER A 506 10.08 -3.72 -12.30
C SER A 506 8.74 -2.99 -12.28
N VAL A 507 8.21 -2.82 -11.08
CA VAL A 507 6.97 -2.07 -10.87
C VAL A 507 7.33 -0.61 -10.57
N SER A 508 6.66 0.31 -11.27
CA SER A 508 7.06 1.71 -11.26
C SER A 508 7.13 2.30 -9.86
N ILE A 509 5.98 2.45 -9.21
CA ILE A 509 5.94 3.12 -7.91
C ILE A 509 6.90 2.45 -6.92
N PRO A 510 6.86 1.13 -6.74
CA PRO A 510 7.86 0.51 -5.83
C PRO A 510 9.29 0.79 -6.24
N TRP A 511 9.62 0.63 -7.52
CA TRP A 511 10.99 0.86 -7.96
C TRP A 511 11.45 2.28 -7.64
N GLN A 512 10.63 3.28 -7.98
CA GLN A 512 11.01 4.66 -7.69
C GLN A 512 11.13 4.89 -6.19
N ASN A 513 10.22 4.30 -5.41
CA ASN A 513 10.33 4.39 -3.95
C ASN A 513 11.63 3.76 -3.47
N GLU A 514 12.02 2.62 -4.03
CA GLU A 514 13.29 2.01 -3.66
C GLU A 514 14.45 2.97 -3.93
N MET A 515 14.46 3.58 -5.12
CA MET A 515 15.49 4.55 -5.43
C MET A 515 15.58 5.64 -4.37
N ILE A 516 14.41 6.11 -3.91
CA ILE A 516 14.40 7.23 -2.97
C ILE A 516 14.86 6.77 -1.59
N GLU A 517 14.35 5.64 -1.12
CA GLU A 517 14.72 5.17 0.22
C GLU A 517 16.22 4.95 0.34
N THR A 518 16.80 4.23 -0.62
CA THR A 518 18.23 3.95 -0.61
C THR A 518 19.08 5.17 -0.88
N GLU A 519 18.50 6.35 -1.03
CA GLU A 519 19.23 7.58 -1.30
C GLU A 519 19.97 7.55 -2.62
N CYS A 520 19.65 6.59 -3.50
CA CYS A 520 20.22 6.62 -4.84
C CYS A 520 19.73 7.84 -5.62
N PHE A 521 18.45 8.18 -5.45
CA PHE A 521 17.92 9.38 -6.09
C PHE A 521 18.68 10.62 -5.63
N LYS A 522 18.81 10.77 -4.31
CA LYS A 522 19.53 11.92 -3.75
C LYS A 522 20.92 12.05 -4.36
N GLU A 523 21.62 10.93 -4.52
CA GLU A 523 23.01 10.95 -4.96
C GLU A 523 23.13 11.18 -6.45
N LEU A 524 22.35 10.44 -7.25
CA LEU A 524 22.48 10.55 -8.70
C LEU A 524 21.76 11.77 -9.26
N ASN A 525 20.71 12.24 -8.59
CA ASN A 525 19.93 13.38 -9.08
C ASN A 525 20.72 14.66 -8.80
N VAL A 526 21.70 14.92 -9.66
CA VAL A 526 22.59 16.06 -9.52
C VAL A 526 22.65 16.77 -10.86
N PHE A 527 22.30 18.05 -10.87
CA PHE A 527 22.30 18.84 -12.08
C PHE A 527 23.63 19.61 -12.16
N GLY A 528 23.66 20.67 -12.96
CA GLY A 528 24.89 21.41 -13.17
C GLY A 528 25.08 22.54 -12.17
N PRO A 529 26.32 23.01 -12.04
CA PRO A 529 26.61 24.05 -11.04
C PRO A 529 25.95 25.37 -11.39
N ASN A 530 25.12 25.88 -10.47
CA ASN A 530 24.39 27.13 -10.66
C ASN A 530 23.34 26.99 -11.78
N GLY A 531 22.48 25.99 -11.64
CA GLY A 531 21.36 25.80 -12.54
C GLY A 531 21.74 25.82 -14.00
N THR A 532 22.60 24.88 -14.40
CA THR A 532 23.00 24.72 -15.79
C THR A 532 22.83 23.26 -16.18
N LEU A 533 22.53 23.03 -17.45
CA LEU A 533 22.28 21.68 -17.93
C LEU A 533 23.50 20.80 -17.65
N PRO A 534 23.34 19.69 -16.94
CA PRO A 534 24.45 18.73 -16.80
C PRO A 534 24.79 18.12 -18.15
N PRO A 535 25.95 17.49 -18.27
CA PRO A 535 26.33 16.93 -19.59
C PRO A 535 25.34 15.92 -20.12
N ASP A 536 24.80 15.06 -19.26
CA ASP A 536 23.90 13.99 -19.71
C ASP A 536 22.57 14.52 -20.21
N LEU A 537 22.22 15.78 -19.91
CA LEU A 537 20.96 16.36 -20.33
C LEU A 537 21.10 17.40 -21.42
N ASN A 538 22.32 17.64 -21.92
CA ASN A 538 22.57 18.60 -22.98
C ASN A 538 22.77 17.83 -24.29
N ARG A 539 21.81 17.97 -25.21
CA ARG A 539 21.86 17.25 -26.47
C ARG A 539 23.03 17.66 -27.35
N ASN A 540 23.78 18.69 -26.95
CA ASN A 540 24.90 19.13 -27.77
C ASN A 540 25.97 18.05 -27.89
N HIS A 541 26.43 17.52 -26.76
CA HIS A 541 27.50 16.54 -26.77
C HIS A 541 27.06 15.24 -26.09
N PRO A 542 26.87 14.15 -26.85
CA PRO A 542 26.53 12.85 -26.23
C PRO A 542 27.64 12.31 -25.34
#